data_2ZH3
#
_entry.id   2ZH3
#
_cell.length_a   57.987
_cell.length_b   57.987
_cell.length_c   441.884
_cell.angle_alpha   90.00
_cell.angle_beta   90.00
_cell.angle_gamma   90.00
#
_symmetry.space_group_name_H-M   'P 43 21 2'
#
loop_
_entity.id
_entity.type
_entity.pdbx_description
1 polymer 'tRNA (34-MER)'
2 polymer 'CCA-adding enzyme'
3 non-polymer 'SULFATE ION'
4 water water
#
loop_
_entity_poly.entity_id
_entity_poly.type
_entity_poly.pdbx_seq_one_letter_code
_entity_poly.pdbx_strand_id
1 'polyribonucleotide' GGCCCGGGGCGGUUCGAUUCCGCCCUGGGCCACA B
2 'polypeptide(L)'
;MKVEEILEKALELVIPDEEEVRKGREAEEELRRRLDELGVEYVFVGSYARNTWLKGSLEIDVFLLFPEEFSKEELRERGL
EIGKAVLDSYEIRYAEHPYVHGVVKGVEVDVVPCYKLKEPKNIKSAVDRTPFHHKWLEGRIKGKENEVRLLKGFLKANGI
YGAEYKVRGFSGYLCELLIVFYGSFLETVKNARRWTRRTVIDVAKGEVRKGEEFFVVDPVDEKRNVAANLSLDNLARFVH
LCREFMEAPSLGFFKPKHPLEIEPERLRKIVEERGTAVFAVKFRKPDIVDDNLYPQLERASRKIFEFLERENFMPLRSAF
KASEEFCYLLFECQIKEISRVFRRMGPQFEDERNVKKFLSRNRAFRPFIENGRWWAFEMRKFTTPEEGVRSYASTHWHTL
GKNVGESIREYFEIISGEKLFKEPVTAELCEMMGVKD
;
A
#
# COMPACT_ATOMS: atom_id res chain seq x y z
N MET B 1 33.62 2.40 3.76
CA MET B 1 32.78 2.20 4.98
C MET B 1 32.03 3.47 5.39
N LYS B 2 32.19 4.54 4.60
CA LYS B 2 31.50 5.80 4.84
C LYS B 2 30.46 6.01 3.74
N VAL B 3 29.51 6.89 3.98
CA VAL B 3 28.44 7.18 3.03
C VAL B 3 28.83 7.10 1.56
N GLU B 4 29.69 8.01 1.12
CA GLU B 4 30.14 8.08 -0.27
C GLU B 4 30.58 6.70 -0.79
N GLU B 5 31.28 5.96 0.06
CA GLU B 5 31.79 4.64 -0.28
C GLU B 5 30.64 3.71 -0.65
N ILE B 6 29.71 3.58 0.28
CA ILE B 6 28.54 2.73 0.11
C ILE B 6 27.72 3.13 -1.12
N LEU B 7 27.56 4.42 -1.33
CA LEU B 7 26.77 4.87 -2.48
C LEU B 7 27.43 4.48 -3.81
N GLU B 8 28.76 4.45 -3.88
CA GLU B 8 29.41 4.07 -5.13
C GLU B 8 29.05 2.62 -5.42
N LYS B 9 29.17 1.78 -4.41
CA LYS B 9 28.86 0.37 -4.53
C LYS B 9 27.36 0.16 -4.77
N ALA B 10 26.54 1.04 -4.20
CA ALA B 10 25.08 0.94 -4.35
C ALA B 10 24.62 1.14 -5.79
N LEU B 11 25.25 2.06 -6.51
CA LEU B 11 24.89 2.33 -7.90
C LEU B 11 24.87 1.03 -8.69
N GLU B 12 25.79 0.13 -8.33
CA GLU B 12 25.94 -1.16 -8.97
C GLU B 12 24.72 -2.05 -8.83
N LEU B 13 23.83 -1.72 -7.90
CA LEU B 13 22.63 -2.50 -7.66
C LEU B 13 21.36 -1.84 -8.21
N VAL B 14 21.45 -0.55 -8.53
CA VAL B 14 20.28 0.18 -9.02
C VAL B 14 20.35 0.58 -10.49
N ILE B 15 21.55 0.86 -10.98
CA ILE B 15 21.72 1.25 -12.37
C ILE B 15 21.72 0.05 -13.31
N PRO B 16 20.90 0.11 -14.36
CA PRO B 16 20.81 -0.98 -15.34
C PRO B 16 22.15 -1.17 -16.05
N ASP B 17 22.56 -2.43 -16.24
CA ASP B 17 23.82 -2.70 -16.93
C ASP B 17 23.58 -2.51 -18.43
N GLU B 18 24.65 -2.28 -19.19
CA GLU B 18 24.55 -2.05 -20.64
C GLU B 18 23.59 -2.96 -21.44
N GLU B 19 23.56 -4.24 -21.09
CA GLU B 19 22.71 -5.23 -21.76
C GLU B 19 21.23 -4.89 -21.59
N GLU B 20 20.87 -4.34 -20.43
CA GLU B 20 19.49 -3.97 -20.18
C GLU B 20 19.20 -2.63 -20.87
N VAL B 21 20.21 -1.77 -20.92
CA VAL B 21 20.08 -0.48 -21.57
C VAL B 21 19.92 -0.68 -23.08
N ARG B 22 20.88 -1.38 -23.68
CA ARG B 22 20.85 -1.64 -25.11
C ARG B 22 19.51 -2.27 -25.49
N LYS B 23 19.14 -3.30 -24.76
CA LYS B 23 17.90 -4.01 -24.97
C LYS B 23 16.73 -3.03 -25.05
N GLY B 24 16.73 -2.05 -24.15
CA GLY B 24 15.67 -1.06 -24.12
C GLY B 24 15.79 -0.10 -25.27
N ARG B 25 17.01 0.33 -25.53
CA ARG B 25 17.28 1.26 -26.62
C ARG B 25 16.81 0.60 -27.94
N GLU B 26 17.17 -0.66 -28.14
CA GLU B 26 16.79 -1.37 -29.35
C GLU B 26 15.28 -1.48 -29.53
N ALA B 27 14.54 -1.65 -28.44
CA ALA B 27 13.09 -1.74 -28.52
C ALA B 27 12.48 -0.36 -28.76
N GLU B 28 13.06 0.68 -28.17
CA GLU B 28 12.57 2.03 -28.35
C GLU B 28 12.70 2.39 -29.84
N GLU B 29 13.85 2.06 -30.42
CA GLU B 29 14.09 2.34 -31.83
C GLU B 29 13.03 1.62 -32.68
N GLU B 30 12.91 0.30 -32.52
CA GLU B 30 11.92 -0.45 -33.28
C GLU B 30 10.50 0.06 -33.03
N LEU B 31 10.25 0.49 -31.81
CA LEU B 31 8.92 1.01 -31.48
C LEU B 31 8.63 2.33 -32.20
N ARG B 32 9.65 3.16 -32.35
CA ARG B 32 9.51 4.44 -33.05
C ARG B 32 9.19 4.16 -34.52
N ARG B 33 10.02 3.33 -35.14
CA ARG B 33 9.84 2.99 -36.55
C ARG B 33 8.43 2.47 -36.85
N ARG B 34 7.90 1.59 -36.01
CA ARG B 34 6.57 1.02 -36.20
C ARG B 34 5.49 2.09 -36.06
N LEU B 35 5.65 2.97 -35.08
CA LEU B 35 4.68 4.05 -34.86
C LEU B 35 4.74 5.08 -35.98
N ASP B 36 5.94 5.37 -36.46
CA ASP B 36 6.10 6.35 -37.52
C ASP B 36 5.55 5.83 -38.85
N GLU B 37 5.62 4.51 -39.05
CA GLU B 37 5.12 3.92 -40.29
C GLU B 37 3.61 4.08 -40.40
N LEU B 38 2.97 4.44 -39.29
CA LEU B 38 1.53 4.65 -39.30
C LEU B 38 1.31 6.13 -39.08
N GLY B 39 2.41 6.87 -39.00
CA GLY B 39 2.34 8.30 -38.79
C GLY B 39 1.48 8.61 -37.58
N VAL B 40 1.82 8.01 -36.44
CA VAL B 40 1.08 8.22 -35.21
C VAL B 40 1.70 9.30 -34.33
N GLU B 41 0.86 10.16 -33.76
CA GLU B 41 1.35 11.20 -32.89
C GLU B 41 1.50 10.62 -31.48
N TYR B 42 2.74 10.47 -31.04
CA TYR B 42 3.05 9.89 -29.74
C TYR B 42 4.20 10.57 -28.99
N VAL B 43 4.27 10.28 -27.69
CA VAL B 43 5.33 10.82 -26.84
C VAL B 43 5.73 9.83 -25.75
N PHE B 44 7.00 9.45 -25.73
CA PHE B 44 7.52 8.55 -24.70
C PHE B 44 7.59 9.27 -23.36
N VAL B 45 7.07 8.66 -22.31
CA VAL B 45 7.13 9.28 -20.99
C VAL B 45 7.60 8.27 -19.96
N GLY B 46 7.51 8.63 -18.68
CA GLY B 46 7.93 7.70 -17.64
C GLY B 46 9.43 7.56 -17.42
N SER B 47 9.78 6.78 -16.41
CA SER B 47 11.17 6.58 -16.05
C SER B 47 12.08 6.10 -17.18
N TYR B 48 11.51 5.45 -18.19
CA TYR B 48 12.35 5.01 -19.29
C TYR B 48 12.72 6.19 -20.15
N ALA B 49 11.75 7.06 -20.41
CA ALA B 49 12.00 8.22 -21.25
C ALA B 49 13.07 9.11 -20.63
N ARG B 50 13.14 9.15 -19.31
CA ARG B 50 14.13 9.99 -18.62
C ARG B 50 15.30 9.24 -18.01
N ASN B 51 15.48 7.98 -18.39
CA ASN B 51 16.59 7.17 -17.88
C ASN B 51 16.68 7.18 -16.36
N THR B 52 15.55 6.99 -15.70
CA THR B 52 15.52 6.99 -14.24
C THR B 52 14.99 5.66 -13.71
N TRP B 53 14.65 4.75 -14.62
CA TRP B 53 14.12 3.44 -14.25
C TRP B 53 15.14 2.60 -13.51
N LEU B 54 14.66 1.88 -12.51
CA LEU B 54 15.49 1.04 -11.67
C LEU B 54 15.90 -0.25 -12.39
N LYS B 55 17.14 -0.65 -12.17
CA LYS B 55 17.65 -1.86 -12.80
C LYS B 55 16.70 -3.05 -12.58
N GLY B 56 16.31 -3.68 -13.69
CA GLY B 56 15.43 -4.83 -13.61
C GLY B 56 13.97 -4.49 -13.82
N SER B 57 13.66 -3.21 -14.00
CA SER B 57 12.28 -2.79 -14.19
C SER B 57 12.13 -2.03 -15.50
N LEU B 58 12.81 -2.50 -16.54
CA LEU B 58 12.71 -1.85 -17.83
C LEU B 58 11.30 -2.03 -18.38
N GLU B 59 10.63 -0.91 -18.63
CA GLU B 59 9.28 -0.89 -19.17
C GLU B 59 9.17 0.46 -19.88
N ILE B 60 8.74 0.42 -21.14
CA ILE B 60 8.59 1.63 -21.94
C ILE B 60 7.15 2.15 -21.94
N ASP B 61 7.00 3.45 -21.70
CA ASP B 61 5.66 4.04 -21.71
C ASP B 61 5.48 4.99 -22.89
N VAL B 62 4.52 4.67 -23.73
CA VAL B 62 4.22 5.45 -24.91
C VAL B 62 2.80 5.97 -24.81
N PHE B 63 2.65 7.28 -24.67
CA PHE B 63 1.32 7.87 -24.58
C PHE B 63 0.96 8.41 -25.96
N LEU B 64 -0.25 8.07 -26.41
CA LEU B 64 -0.75 8.51 -27.71
C LEU B 64 -1.57 9.77 -27.54
N LEU B 65 -1.13 10.83 -28.21
CA LEU B 65 -1.83 12.11 -28.11
C LEU B 65 -3.05 12.16 -29.03
N PHE B 66 -4.13 12.73 -28.52
CA PHE B 66 -5.37 12.82 -29.29
C PHE B 66 -6.01 14.21 -29.16
N PRO B 67 -6.57 14.71 -30.25
CA PRO B 67 -7.20 16.03 -30.21
C PRO B 67 -8.20 16.15 -29.06
N GLU B 68 -8.23 17.34 -28.47
CA GLU B 68 -9.12 17.63 -27.35
C GLU B 68 -10.57 17.21 -27.62
N GLU B 69 -11.04 17.43 -28.84
CA GLU B 69 -12.40 17.13 -29.22
C GLU B 69 -12.84 15.65 -29.29
N PHE B 70 -11.90 14.74 -29.49
CA PHE B 70 -12.23 13.31 -29.58
C PHE B 70 -12.99 12.80 -28.35
N SER B 71 -13.96 11.93 -28.62
CA SER B 71 -14.78 11.31 -27.58
C SER B 71 -13.92 10.31 -26.83
N LYS B 72 -14.24 10.10 -25.55
CA LYS B 72 -13.47 9.15 -24.76
C LYS B 72 -13.48 7.76 -25.42
N GLU B 73 -14.57 7.44 -26.14
CA GLU B 73 -14.68 6.15 -26.82
C GLU B 73 -13.73 6.03 -28.01
N GLU B 74 -13.57 7.10 -28.80
CA GLU B 74 -12.67 7.05 -29.94
C GLU B 74 -11.25 6.77 -29.44
N LEU B 75 -10.89 7.45 -28.36
CA LEU B 75 -9.58 7.29 -27.75
C LEU B 75 -9.24 5.83 -27.49
N ARG B 76 -10.12 5.12 -26.80
CA ARG B 76 -9.86 3.73 -26.51
C ARG B 76 -9.85 2.83 -27.75
N GLU B 77 -10.81 3.01 -28.66
CA GLU B 77 -10.84 2.19 -29.86
C GLU B 77 -9.62 2.39 -30.75
N ARG B 78 -9.31 3.64 -31.05
CA ARG B 78 -8.15 3.95 -31.88
C ARG B 78 -6.91 3.60 -31.07
N GLY B 79 -7.04 3.75 -29.75
CA GLY B 79 -5.93 3.43 -28.87
C GLY B 79 -5.64 1.95 -28.95
N LEU B 80 -6.70 1.16 -29.04
CA LEU B 80 -6.59 -0.29 -29.13
C LEU B 80 -6.05 -0.75 -30.48
N GLU B 81 -6.53 -0.13 -31.55
CA GLU B 81 -6.09 -0.51 -32.90
C GLU B 81 -4.59 -0.25 -33.05
N ILE B 82 -4.16 0.90 -32.55
CA ILE B 82 -2.76 1.29 -32.64
C ILE B 82 -1.81 0.38 -31.86
N GLY B 83 -2.17 0.03 -30.63
CA GLY B 83 -1.31 -0.82 -29.84
C GLY B 83 -1.27 -2.19 -30.47
N LYS B 84 -2.42 -2.57 -31.02
CA LYS B 84 -2.60 -3.85 -31.68
C LYS B 84 -1.58 -4.08 -32.80
N ALA B 85 -1.52 -3.15 -33.74
CA ALA B 85 -0.62 -3.25 -34.88
C ALA B 85 0.85 -3.01 -34.55
N VAL B 86 1.12 -2.34 -33.43
CA VAL B 86 2.49 -2.04 -33.11
C VAL B 86 3.20 -2.95 -32.12
N LEU B 87 2.45 -3.81 -31.45
CA LEU B 87 3.06 -4.69 -30.47
C LEU B 87 3.25 -6.12 -30.97
N ASP B 88 4.26 -6.78 -30.43
CA ASP B 88 4.56 -8.17 -30.76
C ASP B 88 3.50 -9.06 -30.13
N SER B 89 3.01 -8.66 -28.96
CA SER B 89 1.98 -9.38 -28.20
C SER B 89 1.18 -8.33 -27.46
N TYR B 90 -0.14 -8.44 -27.43
CA TYR B 90 -0.89 -7.45 -26.70
C TYR B 90 -1.80 -8.05 -25.64
N GLU B 91 -2.39 -7.19 -24.83
CA GLU B 91 -3.24 -7.64 -23.75
C GLU B 91 -3.92 -6.41 -23.16
N ILE B 92 -5.19 -6.20 -23.48
CA ILE B 92 -5.90 -5.05 -22.94
C ILE B 92 -5.83 -5.08 -21.41
N ARG B 93 -5.49 -3.94 -20.83
CA ARG B 93 -5.37 -3.78 -19.38
C ARG B 93 -6.38 -2.70 -19.02
N TYR B 94 -6.58 -2.45 -17.73
CA TYR B 94 -7.53 -1.43 -17.32
C TYR B 94 -7.05 -0.57 -16.16
N ALA B 95 -7.84 0.46 -15.90
CA ALA B 95 -7.61 1.44 -14.84
C ALA B 95 -8.75 2.43 -15.08
N GLU B 96 -8.56 3.69 -14.70
CA GLU B 96 -9.59 4.70 -14.91
C GLU B 96 -10.19 4.53 -16.31
N HIS B 97 -9.32 4.25 -17.28
CA HIS B 97 -9.71 4.01 -18.67
C HIS B 97 -8.89 2.84 -19.15
N PRO B 98 -9.39 2.11 -20.16
CA PRO B 98 -8.66 0.95 -20.68
C PRO B 98 -7.48 1.34 -21.56
N TYR B 99 -6.53 0.44 -21.72
CA TYR B 99 -5.36 0.67 -22.55
C TYR B 99 -4.74 -0.66 -22.99
N VAL B 100 -3.59 -0.61 -23.63
CA VAL B 100 -2.98 -1.85 -24.10
C VAL B 100 -1.56 -2.10 -23.62
N HIS B 101 -1.31 -3.27 -23.06
CA HIS B 101 0.04 -3.61 -22.61
C HIS B 101 0.57 -4.63 -23.60
N GLY B 102 1.88 -4.75 -23.71
CA GLY B 102 2.45 -5.69 -24.65
C GLY B 102 3.97 -5.77 -24.63
N VAL B 103 4.52 -6.47 -25.63
CA VAL B 103 5.97 -6.67 -25.76
C VAL B 103 6.49 -6.21 -27.12
N VAL B 104 7.79 -5.95 -27.18
CA VAL B 104 8.48 -5.52 -28.41
C VAL B 104 9.98 -5.82 -28.23
N LYS B 105 10.51 -6.69 -29.08
CA LYS B 105 11.91 -7.08 -29.02
C LYS B 105 12.33 -7.36 -27.59
N GLY B 106 11.49 -8.10 -26.89
CA GLY B 106 11.80 -8.47 -25.52
C GLY B 106 11.44 -7.56 -24.36
N VAL B 107 11.06 -6.30 -24.60
CA VAL B 107 10.73 -5.44 -23.47
C VAL B 107 9.26 -5.03 -23.36
N GLU B 108 8.79 -4.94 -22.12
CA GLU B 108 7.40 -4.58 -21.80
C GLU B 108 7.05 -3.17 -22.28
N VAL B 109 5.85 -3.01 -22.82
CA VAL B 109 5.42 -1.72 -23.33
C VAL B 109 3.99 -1.36 -22.92
N ASP B 110 3.77 -0.09 -22.58
CA ASP B 110 2.44 0.39 -22.21
C ASP B 110 2.02 1.42 -23.27
N VAL B 111 0.96 1.12 -24.02
CA VAL B 111 0.44 2.05 -25.02
C VAL B 111 -0.82 2.64 -24.42
N VAL B 112 -0.75 3.92 -24.08
CA VAL B 112 -1.84 4.63 -23.43
C VAL B 112 -2.35 5.85 -24.18
N PRO B 113 -3.68 5.97 -24.32
CA PRO B 113 -4.27 7.11 -25.02
C PRO B 113 -4.66 8.24 -24.06
N CYS B 114 -4.32 9.46 -24.43
CA CYS B 114 -4.65 10.63 -23.62
C CYS B 114 -4.95 11.79 -24.55
N TYR B 115 -5.33 12.93 -23.99
CA TYR B 115 -5.64 14.10 -24.78
C TYR B 115 -4.48 15.09 -24.92
N LYS B 116 -4.10 15.41 -26.15
CA LYS B 116 -3.03 16.38 -26.35
C LYS B 116 -3.63 17.70 -25.89
N LEU B 117 -3.05 18.28 -24.85
CA LEU B 117 -3.54 19.55 -24.32
C LEU B 117 -2.41 20.54 -24.09
N LYS B 118 -2.75 21.63 -23.43
CA LYS B 118 -1.80 22.64 -23.02
C LYS B 118 -2.46 23.29 -21.82
N GLU B 119 -1.66 23.59 -20.80
CA GLU B 119 -2.18 24.16 -19.57
C GLU B 119 -2.89 23.03 -18.83
N PRO B 120 -2.37 22.65 -17.65
CA PRO B 120 -2.93 21.58 -16.82
C PRO B 120 -4.45 21.60 -16.78
N LYS B 121 -5.04 22.80 -16.82
CA LYS B 121 -6.49 22.92 -16.82
C LYS B 121 -6.98 22.21 -18.08
N ASN B 122 -8.30 22.01 -18.18
CA ASN B 122 -8.89 21.35 -19.35
C ASN B 122 -8.57 19.86 -19.29
N ILE B 123 -7.87 19.45 -18.24
CA ILE B 123 -7.50 18.04 -18.05
C ILE B 123 -8.78 17.24 -17.88
N LYS B 124 -8.70 15.92 -17.99
CA LYS B 124 -9.89 15.08 -17.85
C LYS B 124 -9.67 13.82 -17.04
N SER B 125 -8.44 13.31 -17.07
CA SER B 125 -8.08 12.10 -16.34
C SER B 125 -6.62 12.20 -15.91
N ALA B 126 -6.22 11.37 -14.95
CA ALA B 126 -4.85 11.39 -14.49
C ALA B 126 -3.91 11.18 -15.68
N VAL B 127 -4.31 10.33 -16.62
CA VAL B 127 -3.48 10.07 -17.79
C VAL B 127 -3.14 11.32 -18.60
N ASP B 128 -4.03 12.30 -18.63
CA ASP B 128 -3.77 13.52 -19.39
C ASP B 128 -2.71 14.37 -18.69
N ARG B 129 -2.61 14.19 -17.37
CA ARG B 129 -1.67 14.92 -16.55
C ARG B 129 -0.26 14.37 -16.71
N THR B 130 -0.15 13.10 -17.08
CA THR B 130 1.16 12.45 -17.22
C THR B 130 2.11 13.15 -18.17
N PRO B 131 1.62 13.65 -19.31
CA PRO B 131 2.55 14.33 -20.22
C PRO B 131 3.13 15.61 -19.59
N PHE B 132 2.30 16.34 -18.84
CA PHE B 132 2.76 17.57 -18.18
C PHE B 132 3.79 17.20 -17.12
N HIS B 133 3.53 16.11 -16.42
CA HIS B 133 4.47 15.68 -15.40
C HIS B 133 5.76 15.40 -16.15
N HIS B 134 5.66 14.75 -17.31
CA HIS B 134 6.87 14.45 -18.05
C HIS B 134 7.66 15.66 -18.48
N LYS B 135 6.97 16.66 -19.03
CA LYS B 135 7.64 17.88 -19.49
C LYS B 135 8.37 18.60 -18.35
N TRP B 136 7.69 18.79 -17.23
CA TRP B 136 8.28 19.48 -16.09
C TRP B 136 9.58 18.83 -15.62
N LEU B 137 9.62 17.51 -15.70
CA LEU B 137 10.76 16.71 -15.25
C LEU B 137 11.96 16.55 -16.20
N GLU B 138 11.71 16.45 -17.51
CA GLU B 138 12.82 16.19 -18.42
C GLU B 138 13.96 17.19 -18.40
N GLY B 139 13.66 18.46 -18.16
CA GLY B 139 14.74 19.43 -18.12
C GLY B 139 15.44 19.46 -16.77
N ARG B 140 14.67 19.34 -15.70
CA ARG B 140 15.22 19.44 -14.36
C ARG B 140 15.91 18.23 -13.74
N ILE B 141 15.60 17.02 -14.18
CA ILE B 141 16.21 15.82 -13.60
C ILE B 141 17.43 15.33 -14.39
N LYS B 142 17.56 15.79 -15.62
CA LYS B 142 18.67 15.42 -16.48
C LYS B 142 19.94 15.62 -15.62
N GLY B 143 20.78 14.60 -15.57
CA GLY B 143 22.00 14.68 -14.78
C GLY B 143 21.91 14.03 -13.39
N LYS B 144 20.70 13.84 -12.87
CA LYS B 144 20.56 13.25 -11.55
C LYS B 144 19.81 11.94 -11.61
N GLU B 145 19.81 11.32 -12.79
CA GLU B 145 19.13 10.06 -12.97
C GLU B 145 19.60 9.00 -11.98
N ASN B 146 20.86 9.03 -11.60
CA ASN B 146 21.33 8.00 -10.69
C ASN B 146 20.97 8.30 -9.25
N GLU B 147 20.72 9.56 -8.93
CA GLU B 147 20.31 9.88 -7.58
C GLU B 147 18.88 9.30 -7.42
N VAL B 148 18.09 9.40 -8.49
CA VAL B 148 16.72 8.86 -8.47
C VAL B 148 16.77 7.35 -8.24
N ARG B 149 17.65 6.68 -8.97
CA ARG B 149 17.79 5.23 -8.85
C ARG B 149 18.21 4.80 -7.44
N LEU B 150 19.14 5.52 -6.83
CA LEU B 150 19.56 5.19 -5.48
C LEU B 150 18.37 5.33 -4.53
N LEU B 151 17.56 6.37 -4.74
CA LEU B 151 16.39 6.62 -3.91
C LEU B 151 15.34 5.52 -4.11
N LYS B 152 15.17 5.10 -5.36
CA LYS B 152 14.20 4.07 -5.64
C LYS B 152 14.71 2.74 -5.08
N GLY B 153 15.99 2.46 -5.31
CA GLY B 153 16.56 1.22 -4.82
C GLY B 153 16.47 1.09 -3.31
N PHE B 154 16.67 2.22 -2.65
CA PHE B 154 16.61 2.31 -1.19
C PHE B 154 15.20 1.93 -0.71
N LEU B 155 14.21 2.60 -1.29
CA LEU B 155 12.80 2.40 -0.96
C LEU B 155 12.30 0.98 -1.26
N LYS B 156 12.64 0.45 -2.42
CA LYS B 156 12.23 -0.88 -2.82
C LYS B 156 12.82 -1.91 -1.86
N ALA B 157 14.12 -1.82 -1.63
CA ALA B 157 14.79 -2.74 -0.74
C ALA B 157 14.10 -2.76 0.63
N ASN B 158 13.45 -1.67 0.99
CA ASN B 158 12.79 -1.61 2.29
C ASN B 158 11.27 -1.67 2.23
N GLY B 159 10.75 -2.27 1.17
CA GLY B 159 9.32 -2.46 0.98
C GLY B 159 8.37 -1.27 0.99
N ILE B 160 8.83 -0.11 0.53
CA ILE B 160 7.98 1.07 0.51
C ILE B 160 8.13 1.87 -0.77
N TYR B 161 8.46 1.20 -1.87
CA TYR B 161 8.64 1.91 -3.12
C TYR B 161 7.41 2.28 -3.93
N GLY B 162 6.47 1.39 -4.16
CA GLY B 162 5.32 1.82 -4.96
C GLY B 162 4.22 2.59 -4.24
N ALA B 163 3.39 3.30 -5.00
CA ALA B 163 2.29 4.05 -4.39
C ALA B 163 0.95 3.30 -4.49
N GLU B 164 0.95 2.07 -5.01
CA GLU B 164 -0.29 1.31 -5.10
C GLU B 164 -0.69 0.81 -3.70
N TYR B 165 -1.95 0.47 -3.53
CA TYR B 165 -2.45 0.03 -2.24
C TYR B 165 -1.76 -1.11 -1.51
N LYS B 166 -1.17 -2.04 -2.24
CA LYS B 166 -0.49 -3.14 -1.58
C LYS B 166 0.73 -2.59 -0.83
N VAL B 167 1.21 -1.42 -1.24
CA VAL B 167 2.40 -0.81 -0.67
C VAL B 167 2.22 0.50 0.09
N ARG B 168 1.41 1.41 -0.44
CA ARG B 168 1.20 2.72 0.20
C ARG B 168 2.53 3.46 0.45
N GLY B 169 3.43 3.35 -0.53
CA GLY B 169 4.73 3.99 -0.41
C GLY B 169 4.89 5.23 -1.28
N PHE B 170 6.10 5.40 -1.81
CA PHE B 170 6.50 6.55 -2.65
C PHE B 170 6.59 6.36 -4.17
N SER B 171 5.66 6.92 -4.95
CA SER B 171 5.65 6.64 -6.39
C SER B 171 6.97 7.08 -7.02
N GLY B 172 7.21 6.63 -8.25
CA GLY B 172 8.42 7.00 -8.96
C GLY B 172 8.45 8.50 -9.12
N TYR B 173 7.32 9.06 -9.54
CA TYR B 173 7.19 10.49 -9.75
C TYR B 173 7.63 11.25 -8.51
N LEU B 174 7.13 10.79 -7.37
CA LEU B 174 7.46 11.41 -6.12
C LEU B 174 8.97 11.43 -5.91
N CYS B 175 9.63 10.31 -6.23
CA CYS B 175 11.07 10.22 -6.04
C CYS B 175 11.84 11.27 -6.87
N GLU B 176 11.39 11.50 -8.11
CA GLU B 176 12.08 12.47 -8.94
C GLU B 176 11.89 13.88 -8.44
N LEU B 177 10.68 14.20 -7.99
CA LEU B 177 10.42 15.53 -7.47
C LEU B 177 11.32 15.76 -6.25
N LEU B 178 11.54 14.73 -5.44
CA LEU B 178 12.38 14.84 -4.26
C LEU B 178 13.85 15.08 -4.63
N ILE B 179 14.31 14.45 -5.70
CA ILE B 179 15.68 14.64 -6.13
C ILE B 179 15.82 16.04 -6.73
N VAL B 180 14.80 16.51 -7.43
CA VAL B 180 14.88 17.84 -7.99
C VAL B 180 14.91 18.85 -6.84
N PHE B 181 14.20 18.54 -5.77
CA PHE B 181 14.15 19.46 -4.64
C PHE B 181 15.43 19.47 -3.83
N TYR B 182 15.90 18.29 -3.42
CA TYR B 182 17.11 18.19 -2.62
C TYR B 182 18.42 18.14 -3.38
N GLY B 183 18.36 17.78 -4.66
CA GLY B 183 19.56 17.73 -5.47
C GLY B 183 20.24 16.38 -5.60
N SER B 184 20.02 15.51 -4.62
CA SER B 184 20.62 14.18 -4.65
C SER B 184 20.04 13.31 -3.56
N PHE B 185 20.30 12.01 -3.68
CA PHE B 185 19.82 11.03 -2.72
C PHE B 185 20.23 11.39 -1.29
N LEU B 186 21.53 11.52 -1.07
CA LEU B 186 22.03 11.85 0.26
C LEU B 186 21.33 13.08 0.85
N GLU B 187 21.16 14.15 0.08
CA GLU B 187 20.50 15.36 0.59
C GLU B 187 19.04 15.10 0.97
N THR B 188 18.37 14.28 0.16
CA THR B 188 16.98 13.93 0.40
C THR B 188 16.92 13.18 1.73
N VAL B 189 17.80 12.20 1.87
CA VAL B 189 17.88 11.37 3.07
C VAL B 189 18.27 12.18 4.30
N LYS B 190 19.28 13.04 4.15
CA LYS B 190 19.74 13.87 5.26
C LYS B 190 18.61 14.73 5.79
N ASN B 191 17.82 15.31 4.90
CA ASN B 191 16.74 16.19 5.30
C ASN B 191 15.46 15.48 5.73
N ALA B 192 15.20 14.30 5.17
CA ALA B 192 14.00 13.57 5.54
C ALA B 192 13.99 13.24 7.04
N ARG B 193 15.17 13.23 7.65
CA ARG B 193 15.27 12.94 9.08
C ARG B 193 14.50 13.95 9.92
N ARG B 194 14.25 15.14 9.36
CA ARG B 194 13.54 16.22 10.07
C ARG B 194 12.10 16.33 9.62
N TRP B 195 11.68 15.43 8.74
CA TRP B 195 10.30 15.45 8.25
C TRP B 195 9.37 15.06 9.41
N THR B 196 8.17 15.63 9.39
CA THR B 196 7.18 15.31 10.41
C THR B 196 5.93 14.93 9.62
N ARG B 197 4.86 14.62 10.33
CA ARG B 197 3.62 14.24 9.68
C ARG B 197 2.90 15.51 9.23
N ARG B 198 3.51 16.65 9.54
CA ARG B 198 2.96 17.96 9.19
C ARG B 198 3.74 18.66 8.08
N THR B 199 4.79 17.99 7.58
CA THR B 199 5.63 18.56 6.54
C THR B 199 4.96 18.73 5.17
N VAL B 200 5.21 19.88 4.57
CA VAL B 200 4.70 20.19 3.25
C VAL B 200 5.87 20.60 2.39
N ILE B 201 6.13 19.83 1.35
CA ILE B 201 7.21 20.14 0.43
C ILE B 201 6.55 20.65 -0.84
N ASP B 202 6.81 21.92 -1.16
CA ASP B 202 6.26 22.57 -2.34
C ASP B 202 7.39 22.77 -3.33
N VAL B 203 7.52 21.82 -4.25
CA VAL B 203 8.56 21.82 -5.28
C VAL B 203 8.68 23.14 -6.06
N ALA B 204 7.58 23.56 -6.67
CA ALA B 204 7.53 24.78 -7.47
C ALA B 204 8.04 26.03 -6.76
N LYS B 205 7.70 26.17 -5.48
CA LYS B 205 8.15 27.33 -4.72
C LYS B 205 9.47 27.10 -3.99
N GLY B 206 10.09 25.95 -4.22
CA GLY B 206 11.34 25.64 -3.56
C GLY B 206 11.27 25.91 -2.07
N GLU B 207 10.14 25.54 -1.47
CA GLU B 207 9.88 25.79 -0.07
C GLU B 207 9.38 24.57 0.73
N VAL B 208 9.64 24.58 2.03
CA VAL B 208 9.17 23.53 2.92
C VAL B 208 8.45 24.24 4.06
N ARG B 209 7.21 23.85 4.32
CA ARG B 209 6.44 24.46 5.38
C ARG B 209 5.67 23.44 6.20
N LYS B 210 4.94 23.94 7.20
CA LYS B 210 4.16 23.08 8.08
C LYS B 210 2.70 23.20 7.67
N GLY B 211 2.10 22.08 7.25
CA GLY B 211 0.70 22.08 6.85
C GLY B 211 -0.11 21.18 7.80
N GLU B 212 -1.21 20.63 7.30
CA GLU B 212 -2.03 19.75 8.12
C GLU B 212 -1.70 18.27 7.95
N GLU B 213 -1.05 17.93 6.85
CA GLU B 213 -0.69 16.55 6.53
C GLU B 213 0.59 16.52 5.69
N PHE B 214 1.21 15.34 5.53
CA PHE B 214 2.41 15.28 4.72
C PHE B 214 1.91 15.61 3.32
N PHE B 215 2.47 16.67 2.73
CA PHE B 215 2.01 17.09 1.44
C PHE B 215 3.11 17.57 0.52
N VAL B 216 3.25 16.89 -0.61
CA VAL B 216 4.23 17.21 -1.64
C VAL B 216 3.41 17.76 -2.80
N VAL B 217 3.33 19.09 -2.92
CA VAL B 217 2.52 19.66 -3.98
C VAL B 217 3.05 19.40 -5.37
N ASP B 218 2.14 19.00 -6.24
CA ASP B 218 2.47 18.71 -7.61
C ASP B 218 2.82 20.02 -8.30
N PRO B 219 4.02 20.10 -8.91
CA PRO B 219 4.44 21.32 -9.60
C PRO B 219 3.44 21.65 -10.73
N VAL B 220 2.76 20.62 -11.21
CA VAL B 220 1.80 20.77 -12.30
C VAL B 220 0.39 21.12 -11.83
N ASP B 221 0.14 21.07 -10.53
CA ASP B 221 -1.18 21.36 -10.00
C ASP B 221 -1.06 21.47 -8.48
N GLU B 222 -0.94 22.71 -8.01
CA GLU B 222 -0.77 22.99 -6.58
C GLU B 222 -1.80 22.38 -5.65
N LYS B 223 -2.89 21.85 -6.19
CA LYS B 223 -3.93 21.25 -5.36
C LYS B 223 -3.77 19.75 -5.13
N ARG B 224 -2.92 19.15 -5.94
CA ARG B 224 -2.65 17.73 -5.89
C ARG B 224 -1.48 17.34 -4.98
N ASN B 225 -1.70 16.39 -4.09
CA ASN B 225 -0.65 15.91 -3.20
C ASN B 225 -0.05 14.67 -3.85
N VAL B 226 1.20 14.77 -4.29
CA VAL B 226 1.87 13.65 -4.96
C VAL B 226 2.13 12.47 -4.01
N ALA B 227 2.10 12.72 -2.70
CA ALA B 227 2.36 11.67 -1.71
C ALA B 227 1.07 11.39 -0.94
N ALA B 228 -0.06 11.62 -1.61
CA ALA B 228 -1.34 11.40 -1.00
C ALA B 228 -1.52 9.98 -0.48
N ASN B 229 -1.00 9.00 -1.20
CA ASN B 229 -1.18 7.63 -0.78
C ASN B 229 -0.04 7.03 0.04
N LEU B 230 0.90 7.88 0.46
CA LEU B 230 2.00 7.42 1.30
C LEU B 230 1.41 7.35 2.71
N SER B 231 1.34 6.15 3.29
CA SER B 231 0.75 6.05 4.62
C SER B 231 1.59 6.69 5.71
N LEU B 232 0.90 7.09 6.77
CA LEU B 232 1.53 7.70 7.91
C LEU B 232 2.63 6.77 8.46
N ASP B 233 2.34 5.47 8.56
CA ASP B 233 3.35 4.58 9.09
C ASP B 233 4.51 4.36 8.14
N ASN B 234 4.24 4.36 6.83
CA ASN B 234 5.32 4.17 5.87
C ASN B 234 6.20 5.42 5.85
N LEU B 235 5.59 6.56 6.14
CA LEU B 235 6.34 7.81 6.20
C LEU B 235 7.26 7.71 7.41
N ALA B 236 6.71 7.23 8.53
CA ALA B 236 7.50 7.09 9.74
C ALA B 236 8.68 6.14 9.50
N ARG B 237 8.41 5.01 8.85
CA ARG B 237 9.47 4.05 8.59
C ARG B 237 10.58 4.67 7.76
N PHE B 238 10.23 5.52 6.81
CA PHE B 238 11.24 6.14 5.97
C PHE B 238 12.14 7.10 6.75
N VAL B 239 11.52 7.95 7.55
CA VAL B 239 12.25 8.92 8.33
C VAL B 239 13.21 8.22 9.27
N HIS B 240 12.73 7.15 9.90
CA HIS B 240 13.55 6.40 10.81
C HIS B 240 14.69 5.73 10.06
N LEU B 241 14.37 5.20 8.89
CA LEU B 241 15.37 4.55 8.08
C LEU B 241 16.46 5.53 7.68
N CYS B 242 16.10 6.78 7.42
CA CYS B 242 17.10 7.76 7.02
C CYS B 242 18.03 8.06 8.21
N ARG B 243 17.46 8.13 9.41
CA ARG B 243 18.29 8.39 10.59
C ARG B 243 19.32 7.28 10.78
N GLU B 244 18.86 6.03 10.68
CA GLU B 244 19.74 4.88 10.86
C GLU B 244 20.83 4.79 9.78
N PHE B 245 20.47 5.12 8.55
CA PHE B 245 21.45 5.06 7.47
C PHE B 245 22.56 6.07 7.71
N MET B 246 22.16 7.30 7.99
CA MET B 246 23.14 8.35 8.23
C MET B 246 24.02 8.03 9.43
N GLU B 247 23.51 7.25 10.39
CA GLU B 247 24.31 6.91 11.54
C GLU B 247 25.25 5.72 11.33
N ALA B 248 24.80 4.77 10.52
CA ALA B 248 25.62 3.59 10.23
C ALA B 248 25.39 3.10 8.79
N PRO B 249 25.89 3.86 7.82
CA PRO B 249 25.77 3.54 6.40
C PRO B 249 26.19 2.11 6.07
N SER B 250 25.32 1.39 5.37
CA SER B 250 25.62 0.01 5.00
C SER B 250 25.01 -0.29 3.64
N LEU B 251 25.62 -1.20 2.89
CA LEU B 251 25.10 -1.53 1.59
C LEU B 251 23.84 -2.36 1.78
N GLY B 252 23.68 -2.88 3.00
CA GLY B 252 22.52 -3.69 3.33
C GLY B 252 21.20 -2.99 3.14
N PHE B 253 21.22 -1.66 3.20
CA PHE B 253 20.00 -0.87 3.02
C PHE B 253 19.48 -0.93 1.59
N PHE B 254 20.29 -1.43 0.68
CA PHE B 254 19.86 -1.49 -0.71
C PHE B 254 19.61 -2.91 -1.19
N LYS B 255 19.71 -3.87 -0.27
CA LYS B 255 19.50 -5.28 -0.57
C LYS B 255 18.19 -5.76 0.01
N PRO B 256 17.34 -6.40 -0.81
CA PRO B 256 16.06 -6.91 -0.31
C PRO B 256 16.35 -7.84 0.85
N LYS B 257 15.59 -7.72 1.93
CA LYS B 257 15.81 -8.57 3.09
C LYS B 257 15.41 -10.00 2.76
N HIS B 258 16.18 -10.95 3.28
CA HIS B 258 15.89 -12.36 3.06
C HIS B 258 14.63 -12.75 3.81
N PRO B 259 13.68 -13.42 3.14
CA PRO B 259 12.42 -13.85 3.75
C PRO B 259 12.55 -14.49 5.14
N LEU B 260 13.76 -14.94 5.48
CA LEU B 260 14.03 -15.60 6.76
C LEU B 260 12.87 -16.43 7.27
N GLU B 261 12.75 -17.65 6.76
CA GLU B 261 11.68 -18.55 7.17
C GLU B 261 11.94 -19.07 8.57
N ILE B 262 10.91 -19.64 9.17
CA ILE B 262 11.00 -20.17 10.53
C ILE B 262 10.29 -21.51 10.60
N GLU B 263 10.83 -22.46 11.36
CA GLU B 263 10.15 -23.74 11.47
C GLU B 263 8.87 -23.51 12.28
N PRO B 264 7.76 -24.10 11.82
CA PRO B 264 6.51 -23.90 12.55
C PRO B 264 6.63 -24.27 14.03
N GLU B 265 7.57 -25.14 14.34
CA GLU B 265 7.74 -25.56 15.73
C GLU B 265 8.16 -24.40 16.61
N ARG B 266 9.13 -23.62 16.15
CA ARG B 266 9.60 -22.48 16.92
C ARG B 266 8.48 -21.46 17.09
N LEU B 267 7.71 -21.23 16.04
CA LEU B 267 6.62 -20.28 16.12
C LEU B 267 5.68 -20.67 17.24
N ARG B 268 5.32 -21.96 17.29
CA ARG B 268 4.44 -22.47 18.33
C ARG B 268 4.99 -22.12 19.72
N LYS B 269 6.26 -22.43 19.97
CA LYS B 269 6.90 -22.15 21.25
C LYS B 269 6.81 -20.67 21.62
N ILE B 270 6.98 -19.79 20.64
CA ILE B 270 6.91 -18.36 20.91
C ILE B 270 5.49 -17.95 21.29
N VAL B 271 4.50 -18.50 20.61
CA VAL B 271 3.11 -18.17 20.92
C VAL B 271 2.77 -18.68 22.31
N GLU B 272 3.36 -19.81 22.66
CA GLU B 272 3.15 -20.40 23.97
C GLU B 272 3.82 -19.46 24.98
N GLU B 273 4.99 -18.97 24.61
CA GLU B 273 5.78 -18.04 25.43
C GLU B 273 5.01 -16.73 25.71
N ARG B 274 4.27 -16.25 24.69
CA ARG B 274 3.50 -15.01 24.80
C ARG B 274 2.22 -15.18 25.60
N GLY B 275 1.70 -16.41 25.60
CA GLY B 275 0.48 -16.72 26.32
C GLY B 275 -0.73 -16.05 25.70
N THR B 276 -0.62 -15.68 24.44
CA THR B 276 -1.71 -15.02 23.76
C THR B 276 -2.56 -15.95 22.89
N ALA B 277 -3.69 -15.41 22.41
CA ALA B 277 -4.60 -16.14 21.52
C ALA B 277 -4.18 -15.67 20.14
N VAL B 278 -3.82 -16.61 19.27
CA VAL B 278 -3.41 -16.27 17.93
C VAL B 278 -4.27 -17.09 17.00
N PHE B 279 -4.96 -16.43 16.08
CA PHE B 279 -5.82 -17.14 15.17
C PHE B 279 -5.99 -16.36 13.87
N ALA B 280 -6.66 -16.97 12.91
CA ALA B 280 -6.86 -16.33 11.64
C ALA B 280 -8.21 -16.65 11.07
N VAL B 281 -8.71 -15.72 10.26
CA VAL B 281 -9.97 -15.86 9.57
C VAL B 281 -9.52 -16.19 8.14
N LYS B 282 -9.96 -17.35 7.66
CA LYS B 282 -9.60 -17.80 6.33
C LYS B 282 -10.84 -17.90 5.46
N PHE B 283 -10.73 -17.34 4.25
CA PHE B 283 -11.82 -17.35 3.30
C PHE B 283 -11.18 -17.32 1.91
N ARG B 284 -11.98 -17.43 0.85
CA ARG B 284 -11.42 -17.43 -0.50
C ARG B 284 -11.19 -16.03 -1.05
N LYS B 285 -10.04 -15.82 -1.67
CA LYS B 285 -9.68 -14.52 -2.24
C LYS B 285 -10.58 -14.19 -3.42
N PRO B 286 -11.32 -13.07 -3.36
CA PRO B 286 -12.19 -12.71 -4.48
C PRO B 286 -11.30 -12.41 -5.68
N ASP B 287 -11.78 -12.73 -6.89
CA ASP B 287 -11.00 -12.49 -8.09
C ASP B 287 -11.03 -11.02 -8.53
N ILE B 288 -10.28 -10.19 -7.80
CA ILE B 288 -10.21 -8.78 -8.10
C ILE B 288 -8.76 -8.39 -8.09
N VAL B 289 -8.48 -7.17 -8.57
CA VAL B 289 -7.11 -6.68 -8.63
C VAL B 289 -6.65 -6.26 -7.24
N ASP B 290 -5.35 -6.35 -7.03
CA ASP B 290 -4.74 -5.96 -5.77
C ASP B 290 -5.23 -4.60 -5.29
N ASP B 291 -5.50 -3.69 -6.21
CA ASP B 291 -5.92 -2.36 -5.79
C ASP B 291 -7.31 -2.26 -5.17
N ASN B 292 -8.14 -3.27 -5.39
CA ASN B 292 -9.46 -3.24 -4.79
C ASN B 292 -9.43 -4.19 -3.58
N LEU B 293 -8.60 -5.22 -3.69
CA LEU B 293 -8.49 -6.24 -2.64
C LEU B 293 -7.80 -5.82 -1.34
N TYR B 294 -6.60 -5.25 -1.42
CA TYR B 294 -5.90 -4.87 -0.21
C TYR B 294 -6.63 -3.83 0.63
N PRO B 295 -7.24 -2.83 0.00
CA PRO B 295 -7.95 -1.86 0.84
C PRO B 295 -9.09 -2.56 1.57
N GLN B 296 -9.61 -3.64 0.96
CA GLN B 296 -10.70 -4.38 1.56
C GLN B 296 -10.16 -5.25 2.69
N LEU B 297 -8.96 -5.79 2.51
CA LEU B 297 -8.36 -6.61 3.56
C LEU B 297 -8.10 -5.71 4.78
N GLU B 298 -7.64 -4.49 4.53
CA GLU B 298 -7.38 -3.53 5.61
C GLU B 298 -8.65 -3.21 6.39
N ARG B 299 -9.74 -2.96 5.69
CA ARG B 299 -11.01 -2.63 6.34
C ARG B 299 -11.50 -3.82 7.18
N ALA B 300 -11.65 -4.98 6.53
CA ALA B 300 -12.14 -6.18 7.20
C ALA B 300 -11.30 -6.43 8.46
N SER B 301 -9.99 -6.26 8.31
CA SER B 301 -9.07 -6.46 9.40
C SER B 301 -9.36 -5.50 10.55
N ARG B 302 -9.62 -4.25 10.21
CA ARG B 302 -9.89 -3.22 11.20
C ARG B 302 -11.23 -3.38 11.90
N LYS B 303 -12.27 -3.73 11.14
CA LYS B 303 -13.58 -3.87 11.75
C LYS B 303 -13.55 -4.98 12.78
N ILE B 304 -12.80 -6.04 12.49
CA ILE B 304 -12.71 -7.15 13.41
C ILE B 304 -11.86 -6.78 14.62
N PHE B 305 -10.76 -6.07 14.37
CA PHE B 305 -9.88 -5.63 15.45
C PHE B 305 -10.72 -4.77 16.41
N GLU B 306 -11.57 -3.93 15.85
CA GLU B 306 -12.43 -3.04 16.63
C GLU B 306 -13.48 -3.79 17.42
N PHE B 307 -13.97 -4.88 16.85
CA PHE B 307 -14.94 -5.72 17.53
C PHE B 307 -14.21 -6.34 18.74
N LEU B 308 -12.98 -6.80 18.51
CA LEU B 308 -12.17 -7.42 19.54
C LEU B 308 -11.84 -6.45 20.67
N GLU B 309 -11.64 -5.16 20.38
CA GLU B 309 -11.36 -4.30 21.51
C GLU B 309 -12.60 -3.91 22.31
N ARG B 310 -13.72 -3.62 21.66
CA ARG B 310 -14.88 -3.24 22.46
C ARG B 310 -15.42 -4.44 23.21
N GLU B 311 -15.12 -5.63 22.70
CA GLU B 311 -15.56 -6.86 23.35
C GLU B 311 -14.51 -7.27 24.41
N ASN B 312 -13.59 -6.36 24.70
CA ASN B 312 -12.56 -6.59 25.71
C ASN B 312 -11.62 -7.78 25.61
N PHE B 313 -11.21 -8.14 24.40
CA PHE B 313 -10.28 -9.26 24.22
C PHE B 313 -8.83 -8.79 24.17
N MET B 314 -8.65 -7.48 24.27
CA MET B 314 -7.33 -6.85 24.27
C MET B 314 -6.47 -7.28 23.09
N PRO B 315 -6.90 -6.93 21.87
CA PRO B 315 -6.15 -7.28 20.67
C PRO B 315 -4.84 -6.51 20.70
N LEU B 316 -3.77 -7.14 20.22
CA LEU B 316 -2.45 -6.50 20.18
C LEU B 316 -2.21 -5.89 18.81
N ARG B 317 -2.33 -6.70 17.77
CA ARG B 317 -2.15 -6.23 16.41
C ARG B 317 -2.94 -7.11 15.46
N SER B 318 -3.19 -6.61 14.25
CA SER B 318 -3.92 -7.37 13.25
C SER B 318 -2.99 -7.43 12.05
N ALA B 319 -3.30 -8.33 11.11
CA ALA B 319 -2.48 -8.46 9.91
C ALA B 319 -3.29 -9.23 8.87
N PHE B 320 -2.71 -9.43 7.69
CA PHE B 320 -3.40 -10.13 6.63
C PHE B 320 -2.46 -10.54 5.50
N LYS B 321 -2.76 -11.67 4.87
CA LYS B 321 -1.97 -12.14 3.76
C LYS B 321 -2.88 -12.68 2.70
N ALA B 322 -2.60 -12.34 1.46
CA ALA B 322 -3.40 -12.81 0.34
C ALA B 322 -2.57 -13.84 -0.42
N SER B 323 -3.24 -14.80 -1.03
CA SER B 323 -2.58 -15.84 -1.82
C SER B 323 -3.39 -16.03 -3.10
N GLU B 324 -2.99 -16.99 -3.92
CA GLU B 324 -3.72 -17.26 -5.16
C GLU B 324 -5.09 -17.76 -4.75
N GLU B 325 -5.01 -18.65 -3.79
CA GLU B 325 -6.10 -19.37 -3.18
C GLU B 325 -7.01 -18.57 -2.23
N PHE B 326 -6.52 -18.35 -1.01
CA PHE B 326 -7.29 -17.69 0.01
C PHE B 326 -6.67 -16.41 0.57
N CYS B 327 -7.37 -15.84 1.54
CA CYS B 327 -6.93 -14.64 2.23
C CYS B 327 -6.97 -14.97 3.72
N TYR B 328 -6.11 -14.30 4.48
CA TYR B 328 -6.04 -14.54 5.91
C TYR B 328 -5.99 -13.26 6.70
N LEU B 329 -6.93 -13.08 7.61
CA LEU B 329 -6.95 -11.92 8.51
C LEU B 329 -6.36 -12.51 9.78
N LEU B 330 -5.23 -11.97 10.23
CA LEU B 330 -4.57 -12.48 11.43
C LEU B 330 -4.71 -11.60 12.65
N PHE B 331 -4.87 -12.24 13.81
CA PHE B 331 -5.03 -11.52 15.08
C PHE B 331 -4.26 -12.17 16.22
N GLU B 332 -4.01 -11.37 17.27
CA GLU B 332 -3.35 -11.82 18.48
C GLU B 332 -4.02 -11.03 19.59
N CYS B 333 -4.46 -11.72 20.63
CA CYS B 333 -5.15 -11.10 21.74
C CYS B 333 -4.56 -11.51 23.08
N GLN B 334 -4.58 -10.60 24.04
CA GLN B 334 -4.06 -10.88 25.37
C GLN B 334 -5.01 -11.80 26.12
N ILE B 335 -6.30 -11.73 25.76
CA ILE B 335 -7.29 -12.56 26.42
C ILE B 335 -7.74 -13.79 25.62
N LYS B 336 -7.35 -14.98 26.08
CA LYS B 336 -7.74 -16.24 25.44
C LYS B 336 -9.17 -16.58 25.88
N GLU B 337 -9.51 -16.22 27.12
CA GLU B 337 -10.84 -16.51 27.67
C GLU B 337 -11.23 -15.48 28.69
N ILE B 338 -12.48 -15.04 28.60
CA ILE B 338 -12.98 -14.06 29.53
C ILE B 338 -14.19 -14.70 30.19
N SER B 339 -14.58 -14.20 31.36
CA SER B 339 -15.71 -14.73 32.09
C SER B 339 -16.99 -14.50 31.30
N ARG B 340 -18.03 -15.22 31.70
CA ARG B 340 -19.34 -15.09 31.07
C ARG B 340 -19.99 -13.82 31.64
N VAL B 341 -19.90 -13.62 32.96
CA VAL B 341 -20.49 -12.42 33.55
C VAL B 341 -19.62 -11.19 33.34
N PHE B 342 -20.27 -10.05 33.20
CA PHE B 342 -19.60 -8.76 33.08
C PHE B 342 -20.59 -7.78 33.69
N ARG B 343 -20.17 -6.55 33.95
CA ARG B 343 -21.08 -5.58 34.54
C ARG B 343 -21.58 -4.54 33.57
N ARG B 344 -22.84 -4.14 33.75
CA ARG B 344 -23.49 -3.14 32.92
C ARG B 344 -23.86 -1.95 33.78
N MET B 345 -23.38 -0.78 33.38
CA MET B 345 -23.67 0.46 34.11
C MET B 345 -25.14 0.82 33.95
N GLY B 346 -25.75 1.31 35.03
CA GLY B 346 -27.16 1.68 34.99
C GLY B 346 -27.35 3.14 35.38
N PRO B 347 -28.60 3.57 35.62
CA PRO B 347 -28.91 4.96 36.00
C PRO B 347 -28.49 5.32 37.45
N GLN B 348 -28.41 6.63 37.72
CA GLN B 348 -28.05 7.11 39.07
C GLN B 348 -29.24 6.82 39.99
N PHE B 349 -28.98 6.52 41.27
CA PHE B 349 -30.06 6.18 42.22
C PHE B 349 -31.23 7.15 42.28
N GLU B 350 -30.99 8.41 41.93
CA GLU B 350 -32.01 9.45 41.96
C GLU B 350 -33.09 9.29 40.89
N ASP B 351 -32.69 8.79 39.73
CA ASP B 351 -33.58 8.62 38.58
C ASP B 351 -34.55 7.47 38.72
N GLU B 352 -35.54 7.68 39.59
CA GLU B 352 -36.58 6.70 39.87
C GLU B 352 -37.21 6.05 38.63
N ARG B 353 -37.40 6.81 37.56
CA ARG B 353 -38.01 6.26 36.36
C ARG B 353 -37.11 5.24 35.69
N ASN B 354 -35.91 5.67 35.30
CA ASN B 354 -34.98 4.79 34.64
C ASN B 354 -34.48 3.67 35.54
N VAL B 355 -34.40 3.93 36.84
CA VAL B 355 -33.96 2.88 37.75
C VAL B 355 -34.99 1.76 37.65
N LYS B 356 -36.26 2.15 37.67
CA LYS B 356 -37.35 1.19 37.60
C LYS B 356 -37.33 0.41 36.29
N LYS B 357 -37.06 1.08 35.18
CA LYS B 357 -37.01 0.36 33.91
C LYS B 357 -35.83 -0.62 33.97
N PHE B 358 -34.72 -0.15 34.52
CA PHE B 358 -33.50 -0.93 34.64
C PHE B 358 -33.65 -2.18 35.53
N LEU B 359 -34.55 -2.13 36.51
CA LEU B 359 -34.74 -3.28 37.38
C LEU B 359 -35.86 -4.20 36.89
N SER B 360 -36.50 -3.83 35.77
CA SER B 360 -37.58 -4.65 35.23
C SER B 360 -37.06 -5.82 34.41
N ARG B 361 -35.85 -5.68 33.86
CA ARG B 361 -35.24 -6.72 33.07
C ARG B 361 -34.97 -7.97 33.91
N ASN B 362 -35.58 -9.09 33.55
CA ASN B 362 -35.35 -10.31 34.29
C ASN B 362 -33.91 -10.72 34.06
N ARG B 363 -33.16 -10.82 35.15
CA ARG B 363 -31.77 -11.20 35.09
C ARG B 363 -31.51 -12.32 36.06
N ALA B 364 -30.44 -13.06 35.82
CA ALA B 364 -30.09 -14.18 36.67
C ALA B 364 -29.44 -13.73 37.97
N PHE B 365 -28.80 -12.57 37.97
CA PHE B 365 -28.09 -12.15 39.17
C PHE B 365 -28.50 -11.06 40.15
N ARG B 366 -29.50 -10.24 39.87
CA ARG B 366 -29.78 -9.17 40.84
C ARG B 366 -28.79 -8.01 40.80
N PRO B 367 -29.24 -6.82 40.38
CA PRO B 367 -28.33 -5.68 40.32
C PRO B 367 -27.99 -5.11 41.70
N PHE B 368 -27.00 -4.23 41.75
CA PHE B 368 -26.54 -3.62 43.00
C PHE B 368 -26.19 -2.14 42.82
N ILE B 369 -25.99 -1.45 43.95
CA ILE B 369 -25.62 -0.04 43.96
C ILE B 369 -24.13 0.10 44.24
N GLU B 370 -23.50 1.11 43.65
CA GLU B 370 -22.07 1.33 43.84
C GLU B 370 -21.74 2.75 43.40
N ASN B 371 -21.19 3.53 44.32
CA ASN B 371 -20.85 4.93 44.01
C ASN B 371 -22.02 5.72 43.46
N GLY B 372 -23.21 5.49 44.00
CA GLY B 372 -24.35 6.28 43.58
C GLY B 372 -25.17 5.82 42.39
N ARG B 373 -24.76 4.76 41.72
CA ARG B 373 -25.56 4.29 40.62
C ARG B 373 -25.71 2.80 40.61
N TRP B 374 -26.73 2.35 39.89
CA TRP B 374 -27.02 0.94 39.78
C TRP B 374 -26.15 0.27 38.73
N TRP B 375 -25.92 -1.02 38.93
CA TRP B 375 -25.12 -1.82 38.02
C TRP B 375 -25.77 -3.18 37.93
N ALA B 376 -25.64 -3.83 36.78
CA ALA B 376 -26.20 -5.15 36.62
C ALA B 376 -25.14 -6.14 36.16
N PHE B 377 -25.22 -7.38 36.64
CA PHE B 377 -24.29 -8.40 36.19
C PHE B 377 -25.00 -8.94 34.97
N GLU B 378 -24.26 -9.11 33.87
CA GLU B 378 -24.85 -9.60 32.63
C GLU B 378 -24.03 -10.80 32.12
N MET B 379 -24.62 -11.56 31.20
CA MET B 379 -23.96 -12.74 30.63
C MET B 379 -23.66 -12.59 29.13
N ARG B 380 -22.43 -12.92 28.75
CA ARG B 380 -21.98 -12.84 27.36
C ARG B 380 -22.43 -14.03 26.51
N LYS B 381 -22.53 -13.82 25.21
CA LYS B 381 -22.92 -14.88 24.29
C LYS B 381 -21.67 -15.67 23.88
N PHE B 382 -20.49 -15.16 24.21
CA PHE B 382 -19.24 -15.84 23.87
C PHE B 382 -18.13 -15.49 24.84
N THR B 383 -17.20 -16.41 25.04
CA THR B 383 -16.12 -16.18 25.99
C THR B 383 -14.70 -16.29 25.47
N THR B 384 -14.52 -16.41 24.16
CA THR B 384 -13.19 -16.48 23.58
C THR B 384 -13.15 -15.59 22.35
N PRO B 385 -11.96 -15.09 21.98
CA PRO B 385 -11.90 -14.22 20.79
C PRO B 385 -12.39 -14.96 19.53
N GLU B 386 -12.01 -16.23 19.40
CA GLU B 386 -12.41 -17.03 18.24
C GLU B 386 -13.92 -17.10 18.15
N GLU B 387 -14.57 -17.35 19.28
CA GLU B 387 -16.02 -17.42 19.33
C GLU B 387 -16.62 -16.10 18.93
N GLY B 388 -16.09 -15.03 19.49
CA GLY B 388 -16.61 -13.72 19.17
C GLY B 388 -16.55 -13.44 17.69
N VAL B 389 -15.40 -13.69 17.06
CA VAL B 389 -15.22 -13.42 15.64
C VAL B 389 -16.08 -14.33 14.76
N ARG B 390 -16.29 -15.59 15.17
CA ARG B 390 -17.13 -16.47 14.38
C ARG B 390 -18.49 -15.81 14.34
N SER B 391 -18.88 -15.27 15.50
CA SER B 391 -20.18 -14.62 15.61
C SER B 391 -20.24 -13.34 14.79
N TYR B 392 -19.24 -12.48 14.98
CA TYR B 392 -19.18 -11.20 14.27
C TYR B 392 -19.11 -11.34 12.76
N ALA B 393 -18.19 -12.18 12.28
CA ALA B 393 -18.01 -12.41 10.85
C ALA B 393 -19.23 -13.02 10.16
N SER B 394 -20.01 -13.81 10.90
CA SER B 394 -21.19 -14.47 10.35
C SER B 394 -22.35 -13.54 10.11
N THR B 395 -22.49 -12.53 10.97
CA THR B 395 -23.59 -11.58 10.87
C THR B 395 -23.21 -10.22 10.28
N HIS B 396 -21.95 -9.82 10.39
CA HIS B 396 -21.52 -8.52 9.87
C HIS B 396 -20.64 -8.65 8.63
N TRP B 397 -20.73 -9.77 7.93
CA TRP B 397 -19.92 -9.98 6.72
C TRP B 397 -19.99 -8.78 5.79
N HIS B 398 -21.17 -8.18 5.71
CA HIS B 398 -21.38 -7.06 4.81
C HIS B 398 -20.54 -5.81 5.05
N THR B 399 -20.11 -5.60 6.28
CA THR B 399 -19.33 -4.42 6.61
C THR B 399 -17.84 -4.65 6.46
N LEU B 400 -17.46 -5.79 5.89
CA LEU B 400 -16.05 -6.14 5.73
C LEU B 400 -15.49 -6.01 4.33
N GLY B 401 -15.98 -5.02 3.58
CA GLY B 401 -15.51 -4.85 2.22
C GLY B 401 -16.53 -5.46 1.28
N LYS B 402 -16.83 -4.77 0.18
CA LYS B 402 -17.80 -5.24 -0.80
C LYS B 402 -17.53 -6.68 -1.26
N ASN B 403 -16.32 -6.95 -1.73
CA ASN B 403 -15.98 -8.27 -2.21
C ASN B 403 -15.51 -9.20 -1.09
N VAL B 404 -14.54 -8.76 -0.29
CA VAL B 404 -14.08 -9.60 0.79
C VAL B 404 -15.28 -10.04 1.62
N GLY B 405 -16.16 -9.09 1.90
CA GLY B 405 -17.35 -9.40 2.68
C GLY B 405 -18.28 -10.41 2.03
N GLU B 406 -18.42 -10.33 0.71
CA GLU B 406 -19.29 -11.26 -0.02
C GLU B 406 -18.72 -12.67 0.01
N SER B 407 -17.40 -12.77 -0.07
CA SER B 407 -16.73 -14.06 -0.03
C SER B 407 -16.83 -14.67 1.36
N ILE B 408 -16.73 -13.81 2.38
CA ILE B 408 -16.81 -14.25 3.77
C ILE B 408 -18.20 -14.81 4.09
N ARG B 409 -19.22 -14.18 3.52
CA ARG B 409 -20.60 -14.61 3.72
C ARG B 409 -20.79 -16.05 3.21
N GLU B 410 -20.23 -16.36 2.04
CA GLU B 410 -20.37 -17.69 1.46
C GLU B 410 -19.41 -18.72 2.05
N TYR B 411 -18.36 -18.27 2.72
CA TYR B 411 -17.41 -19.18 3.34
C TYR B 411 -16.29 -18.51 4.13
N PHE B 412 -16.04 -19.04 5.32
CA PHE B 412 -14.96 -18.58 6.18
C PHE B 412 -14.82 -19.52 7.35
N GLU B 413 -13.59 -19.73 7.80
CA GLU B 413 -13.36 -20.57 8.95
C GLU B 413 -12.29 -19.87 9.76
N ILE B 414 -12.19 -20.24 11.03
CA ILE B 414 -11.20 -19.65 11.91
C ILE B 414 -10.19 -20.71 12.30
N ILE B 415 -8.93 -20.44 11.98
CA ILE B 415 -7.82 -21.36 12.27
C ILE B 415 -6.95 -20.85 13.40
N SER B 416 -6.57 -21.75 14.30
CA SER B 416 -5.70 -21.42 15.43
C SER B 416 -4.82 -22.63 15.75
N GLY B 417 -3.79 -22.42 16.57
CA GLY B 417 -2.92 -23.52 16.92
C GLY B 417 -2.04 -24.09 15.81
N GLU B 418 -1.65 -25.35 15.98
CA GLU B 418 -0.80 -26.06 15.03
C GLU B 418 -1.41 -26.01 13.63
N LYS B 419 -2.73 -26.18 13.56
CA LYS B 419 -3.41 -26.16 12.28
C LYS B 419 -3.22 -24.83 11.55
N LEU B 420 -2.85 -23.80 12.29
CA LEU B 420 -2.63 -22.47 11.72
C LEU B 420 -1.22 -22.27 11.21
N PHE B 421 -0.26 -22.77 11.98
CA PHE B 421 1.15 -22.66 11.63
C PHE B 421 1.47 -23.34 10.30
N LYS B 422 0.54 -24.16 9.81
CA LYS B 422 0.74 -24.86 8.55
C LYS B 422 0.22 -24.05 7.37
N GLU B 423 -0.55 -23.00 7.64
CA GLU B 423 -1.06 -22.13 6.59
C GLU B 423 0.12 -21.28 6.16
N PRO B 424 0.06 -20.65 4.97
CA PRO B 424 1.14 -19.81 4.46
C PRO B 424 1.18 -18.42 5.08
N VAL B 425 1.26 -18.35 6.40
CA VAL B 425 1.25 -17.06 7.06
C VAL B 425 2.35 -16.90 8.11
N THR B 426 3.21 -17.90 8.23
CA THR B 426 4.26 -17.86 9.23
C THR B 426 5.09 -16.59 9.16
N ALA B 427 5.23 -16.02 7.98
CA ALA B 427 6.02 -14.79 7.86
C ALA B 427 5.26 -13.57 8.40
N GLU B 428 4.00 -13.45 8.04
CA GLU B 428 3.18 -12.32 8.50
C GLU B 428 3.06 -12.35 10.03
N LEU B 429 2.97 -13.55 10.59
CA LEU B 429 2.86 -13.71 12.04
C LEU B 429 4.14 -13.31 12.78
N CYS B 430 5.29 -13.60 12.17
CA CYS B 430 6.55 -13.26 12.80
C CYS B 430 6.71 -11.75 12.83
N GLU B 431 6.20 -11.08 11.81
CA GLU B 431 6.29 -9.63 11.73
C GLU B 431 5.32 -9.01 12.73
N MET B 432 4.12 -9.58 12.78
CA MET B 432 3.08 -9.11 13.68
C MET B 432 3.49 -9.16 15.16
N MET B 433 4.21 -10.23 15.52
CA MET B 433 4.65 -10.41 16.89
C MET B 433 6.05 -9.88 17.17
N GLY B 434 6.70 -9.31 16.16
CA GLY B 434 8.03 -8.78 16.35
C GLY B 434 9.09 -9.84 16.63
N VAL B 435 8.87 -11.04 16.11
CA VAL B 435 9.84 -12.10 16.31
C VAL B 435 11.16 -11.62 15.72
N LYS B 436 12.27 -11.75 16.44
CA LYS B 436 13.53 -11.32 15.85
C LYS B 436 14.44 -12.48 15.47
N ASP B 437 15.75 -12.24 15.54
CA ASP B 437 16.77 -13.25 15.20
C ASP B 437 16.92 -13.40 13.68
#